data_8GOG
#
_entry.id   8GOG
#
_cell.length_a   79.450
_cell.length_b   81.390
_cell.length_c   90.250
_cell.angle_alpha   90.00
_cell.angle_beta   90.00
_cell.angle_gamma   90.00
#
_symmetry.space_group_name_H-M   'C 2 2 21'
#
loop_
_entity.id
_entity.type
_entity.pdbx_description
1 polymer Streptavidin
2 non-polymer 'RHODIUM(III) ION'
3 non-polymer trichloro((3~{a}~{S},4~{S},6~{a}~{R})-4-[(5~{R})-5-oxidanyl-5-[2-(2,3,4,5-tetramethylcyclopenta-2,4-dien-1-ylidene)ethylamino]pentyl]-1,3,3~{a},4,6,6~{a}-hexahydrothieno[3,4-d]imidazol-2-one)rhodium(3+)
4 non-polymer GLYCEROL
5 non-polymer 'CHLORIDE ION'
6 non-polymer 'SULFATE ION'
7 water water
#
_entity_poly.entity_id   1
_entity_poly.type   'polypeptide(L)'
_entity_poly.pdbx_seq_one_letter_code
;DQAGITGTWYNQLGSTFIVTAGADGALTGTYESAVGNAESRYVLTGRYDSAPATDGSGTALGWTVAWKNNYRNAHSATTW
SGQYVGGAEARINTQWLLTYGTTEANAWESTLVGHDTFTKV
;
_entity_poly.pdbx_strand_id   A,B
#
# COMPACT_ATOMS: atom_id res chain seq x y z
N ASP A 1 -0.66 -17.83 9.31
CA ASP A 1 -0.70 -16.88 8.21
C ASP A 1 -2.11 -16.42 7.96
N GLN A 2 -2.76 -17.03 6.95
CA GLN A 2 -4.18 -16.80 6.65
C GLN A 2 -5.00 -16.70 7.93
N ALA A 3 -4.85 -17.70 8.81
CA ALA A 3 -5.66 -17.81 10.01
C ALA A 3 -5.49 -16.59 10.90
N GLY A 4 -4.24 -16.23 11.20
CA GLY A 4 -3.96 -15.04 11.98
C GLY A 4 -4.67 -13.82 11.43
N ILE A 5 -4.25 -13.40 10.23
CA ILE A 5 -4.55 -12.05 9.77
C ILE A 5 -6.04 -11.87 9.43
N THR A 6 -6.66 -12.89 8.84
CA THR A 6 -8.05 -12.81 8.39
C THR A 6 -8.98 -12.35 9.51
N GLY A 7 -9.81 -11.34 9.22
CA GLY A 7 -10.77 -10.87 10.22
C GLY A 7 -10.76 -9.38 10.51
N THR A 8 -11.20 -9.05 11.72
CA THR A 8 -11.47 -7.70 12.25
C THR A 8 -10.32 -7.24 13.13
N TRP A 9 -9.78 -6.04 12.85
CA TRP A 9 -8.82 -5.42 13.76
C TRP A 9 -9.20 -3.96 14.00
N TYR A 10 -8.65 -3.38 15.06
CA TYR A 10 -9.00 -2.06 15.59
C TYR A 10 -7.71 -1.34 15.94
N ASN A 11 -7.56 -0.08 15.54
CA ASN A 11 -6.34 0.64 15.89
C ASN A 11 -6.60 1.60 17.04
N GLN A 12 -5.56 2.32 17.44
CA GLN A 12 -5.61 3.18 18.63
C GLN A 12 -6.45 4.43 18.43
N LEU A 13 -7.00 4.64 17.24
CA LEU A 13 -7.90 5.74 16.96
C LEU A 13 -9.35 5.31 17.02
N GLY A 14 -9.61 4.00 16.96
CA GLY A 14 -10.93 3.45 16.88
C GLY A 14 -11.37 3.02 15.50
N SER A 15 -10.47 3.04 14.51
CA SER A 15 -10.83 2.64 13.16
C SER A 15 -10.93 1.11 13.07
N THR A 16 -11.72 0.62 12.11
CA THR A 16 -12.11 -0.79 12.00
C THR A 16 -11.70 -1.36 10.64
N PHE A 17 -10.73 -2.27 10.66
CA PHE A 17 -10.05 -2.82 9.48
C PHE A 17 -10.43 -4.30 9.35
N ILE A 18 -11.20 -4.62 8.32
CA ILE A 18 -11.85 -5.93 8.19
C ILE A 18 -11.32 -6.54 6.91
N VAL A 19 -10.49 -7.58 7.05
CA VAL A 19 -9.65 -8.05 5.95
C VAL A 19 -9.73 -9.57 5.84
N THR A 20 -9.42 -10.06 4.65
CA THR A 20 -9.36 -11.49 4.40
C THR A 20 -8.03 -11.79 3.71
N ALA A 21 -7.24 -12.70 4.29
CA ALA A 21 -5.99 -13.14 3.70
C ALA A 21 -6.26 -14.22 2.67
N GLY A 22 -5.87 -13.96 1.42
CA GLY A 22 -5.83 -15.02 0.42
C GLY A 22 -4.82 -16.08 0.79
N ALA A 23 -4.93 -17.25 0.15
CA ALA A 23 -3.97 -18.31 0.45
C ALA A 23 -2.60 -18.03 -0.18
N ASP A 24 -2.60 -17.31 -1.30
CA ASP A 24 -1.40 -16.95 -2.05
C ASP A 24 -0.73 -15.69 -1.53
N GLY A 25 -1.42 -14.90 -0.74
CA GLY A 25 -0.85 -13.64 -0.36
C GLY A 25 -1.81 -12.48 -0.54
N ALA A 26 -2.99 -12.69 -1.12
CA ALA A 26 -3.87 -11.56 -1.38
C ALA A 26 -4.50 -11.03 -0.08
N LEU A 27 -4.63 -9.70 0.00
CA LEU A 27 -5.37 -9.03 1.09
C LEU A 27 -6.55 -8.29 0.48
N THR A 28 -7.74 -8.47 1.06
CA THR A 28 -8.96 -7.88 0.55
C THR A 28 -9.91 -7.63 1.71
N GLY A 29 -10.56 -6.47 1.69
CA GLY A 29 -11.60 -6.16 2.65
C GLY A 29 -11.90 -4.69 2.74
N THR A 30 -12.14 -4.21 3.95
CA THR A 30 -12.75 -2.89 4.08
C THR A 30 -12.12 -2.14 5.23
N TYR A 31 -12.40 -0.85 5.24
CA TYR A 31 -11.75 0.07 6.16
C TYR A 31 -12.69 1.22 6.47
N GLU A 32 -12.92 1.42 7.76
CA GLU A 32 -13.75 2.51 8.23
C GLU A 32 -12.90 3.26 9.25
N SER A 33 -12.58 4.51 8.94
CA SER A 33 -11.70 5.32 9.78
C SER A 33 -12.50 6.17 10.74
N ALA A 34 -11.97 6.32 11.96
CA ALA A 34 -12.59 7.10 13.00
C ALA A 34 -12.41 8.60 12.79
N VAL A 35 -11.41 8.99 12.00
CA VAL A 35 -11.03 10.38 11.85
C VAL A 35 -10.84 10.67 10.36
N GLY A 36 -10.68 11.94 10.04
CA GLY A 36 -10.38 12.33 8.67
C GLY A 36 -11.65 12.48 7.84
N ASN A 37 -11.48 12.94 6.61
CA ASN A 37 -12.59 13.13 5.68
C ASN A 37 -13.02 11.75 5.21
N ALA A 38 -13.81 11.09 6.07
CA ALA A 38 -14.08 9.66 5.93
C ALA A 38 -15.39 9.31 6.61
N GLU A 39 -16.25 8.58 5.92
CA GLU A 39 -17.46 8.06 6.52
C GLU A 39 -17.79 6.73 5.88
N SER A 40 -18.20 5.76 6.70
CA SER A 40 -18.57 4.42 6.27
C SER A 40 -17.34 3.65 5.79
N ARG A 41 -17.57 2.58 5.03
CA ARG A 41 -16.49 1.70 4.63
C ARG A 41 -15.91 2.12 3.29
N TYR A 42 -14.65 1.71 3.06
CA TYR A 42 -13.95 1.96 1.82
C TYR A 42 -13.27 0.65 1.39
N VAL A 43 -13.09 0.45 0.09
CA VAL A 43 -12.48 -0.79 -0.37
C VAL A 43 -10.99 -0.70 -0.09
N LEU A 44 -10.37 -1.84 0.25
CA LEU A 44 -8.92 -1.94 0.40
C LEU A 44 -8.41 -3.21 -0.26
N THR A 45 -7.13 -3.16 -0.65
CA THR A 45 -6.46 -4.29 -1.26
C THR A 45 -4.96 -4.19 -0.96
N GLY A 46 -4.30 -5.33 -0.95
CA GLY A 46 -2.85 -5.39 -0.68
C GLY A 46 -2.35 -6.81 -0.67
N ARG A 47 -1.22 -7.05 0.01
CA ARG A 47 -0.54 -8.33 0.04
C ARG A 47 0.17 -8.52 1.37
N TYR A 48 0.28 -9.77 1.80
CA TYR A 48 1.15 -10.21 2.88
C TYR A 48 1.98 -11.40 2.45
N ASP A 49 3.06 -11.68 3.20
CA ASP A 49 3.95 -12.81 2.94
C ASP A 49 3.27 -14.14 3.33
N SER A 50 3.03 -15.02 2.35
CA SER A 50 2.26 -16.23 2.63
C SER A 50 3.11 -17.40 3.11
N ALA A 51 4.44 -17.32 3.03
CA ALA A 51 5.33 -18.35 3.58
C ALA A 51 6.32 -17.72 4.54
N PRO A 52 5.85 -17.12 5.64
CA PRO A 52 6.73 -16.32 6.49
C PRO A 52 7.66 -17.22 7.32
N ALA A 53 8.66 -16.57 7.91
CA ALA A 53 9.71 -17.32 8.60
C ALA A 53 9.20 -17.97 9.89
N THR A 54 9.97 -18.95 10.37
CA THR A 54 9.63 -19.69 11.57
C THR A 54 10.38 -19.21 12.80
N ASP A 55 11.36 -18.32 12.62
CA ASP A 55 12.26 -17.91 13.69
C ASP A 55 11.58 -16.98 14.71
N GLY A 56 10.25 -16.99 14.77
CA GLY A 56 9.56 -16.07 15.66
C GLY A 56 9.50 -14.64 15.19
N SER A 57 9.62 -14.39 13.89
CA SER A 57 9.51 -13.05 13.33
C SER A 57 8.09 -12.78 12.84
N GLY A 58 7.75 -11.49 12.72
CA GLY A 58 6.43 -11.11 12.29
C GLY A 58 6.18 -11.52 10.85
N THR A 59 4.96 -11.27 10.38
CA THR A 59 4.63 -11.54 8.98
C THR A 59 4.44 -10.21 8.26
N ALA A 60 5.29 -9.95 7.27
CA ALA A 60 5.29 -8.69 6.53
C ALA A 60 4.06 -8.57 5.67
N LEU A 61 3.41 -7.42 5.73
CA LEU A 61 2.21 -7.23 4.94
C LEU A 61 2.04 -5.76 4.60
N GLY A 62 1.05 -5.50 3.76
CA GLY A 62 0.84 -4.15 3.31
C GLY A 62 -0.46 -4.09 2.56
N TRP A 63 -1.20 -3.00 2.74
CA TRP A 63 -2.49 -2.77 2.07
C TRP A 63 -2.65 -1.27 1.84
N THR A 64 -3.70 -0.91 1.09
CA THR A 64 -3.91 0.45 0.57
C THR A 64 -5.41 0.73 0.53
N VAL A 65 -5.83 1.95 0.91
CA VAL A 65 -7.22 2.43 0.89
C VAL A 65 -7.26 3.77 0.18
N ALA A 66 -8.02 3.87 -0.90
CA ALA A 66 -8.24 5.13 -1.62
C ALA A 66 -9.54 5.73 -1.10
N TRP A 67 -9.50 6.98 -0.61
CA TRP A 67 -10.58 7.50 0.24
C TRP A 67 -11.72 8.06 -0.62
N LYS A 68 -12.34 7.13 -1.36
CA LYS A 68 -13.52 7.38 -2.19
C LYS A 68 -14.46 6.21 -1.98
N ASN A 69 -15.71 6.47 -1.59
CA ASN A 69 -16.73 5.43 -1.57
C ASN A 69 -18.02 6.03 -2.14
N ASN A 70 -19.17 5.41 -1.81
CA ASN A 70 -20.48 5.88 -2.24
C ASN A 70 -20.99 7.04 -1.39
N TYR A 71 -20.16 7.58 -0.52
CA TYR A 71 -20.55 8.70 0.31
C TYR A 71 -19.72 9.94 0.03
N ARG A 72 -18.39 9.80 -0.03
CA ARG A 72 -17.55 10.97 -0.20
C ARG A 72 -16.29 10.60 -0.99
N ASN A 73 -15.56 11.62 -1.44
CA ASN A 73 -14.23 11.40 -2.00
C ASN A 73 -13.26 12.38 -1.36
N ALA A 74 -12.25 11.85 -0.68
CA ALA A 74 -11.24 12.68 -0.05
C ALA A 74 -10.01 12.91 -0.92
N HIS A 75 -9.96 12.34 -2.14
CA HIS A 75 -8.86 12.58 -3.08
C HIS A 75 -7.50 12.27 -2.44
N SER A 76 -7.42 11.12 -1.82
CA SER A 76 -6.29 10.77 -1.00
C SER A 76 -6.25 9.26 -0.99
N ALA A 77 -5.16 8.72 -0.50
CA ALA A 77 -5.06 7.28 -0.36
C ALA A 77 -3.98 7.01 0.67
N THR A 78 -4.20 6.08 1.60
CA THR A 78 -3.06 5.74 2.43
C THR A 78 -2.70 4.27 2.24
N THR A 79 -1.42 4.03 2.45
CA THR A 79 -0.84 2.71 2.40
C THR A 79 -0.34 2.48 3.81
N TRP A 80 -0.71 1.34 4.39
CA TRP A 80 -0.14 0.85 5.64
C TRP A 80 0.89 -0.22 5.30
N SER A 81 2.05 -0.14 5.94
CA SER A 81 3.11 -1.11 5.73
C SER A 81 3.62 -1.57 7.10
N GLY A 82 3.63 -2.88 7.31
CA GLY A 82 3.87 -3.38 8.66
C GLY A 82 4.10 -4.88 8.68
N GLN A 83 3.98 -5.46 9.88
CA GLN A 83 4.17 -6.88 10.05
C GLN A 83 3.21 -7.42 11.10
N TYR A 84 2.68 -8.60 10.87
CA TYR A 84 1.73 -9.24 11.78
C TYR A 84 2.45 -10.11 12.80
N VAL A 85 2.17 -9.89 14.08
CA VAL A 85 2.69 -10.71 15.17
C VAL A 85 1.54 -11.51 15.79
N GLY A 86 1.73 -12.83 15.88
CA GLY A 86 0.75 -13.71 16.48
C GLY A 86 0.91 -13.77 17.99
N GLY A 87 0.51 -14.89 18.58
CA GLY A 87 0.65 -15.09 20.01
C GLY A 87 -0.38 -14.30 20.81
N ALA A 88 -0.32 -14.49 22.13
CA ALA A 88 -1.35 -14.03 23.06
C ALA A 88 -1.95 -12.68 22.67
N GLU A 89 -1.14 -11.63 22.63
CA GLU A 89 -1.61 -10.34 22.16
C GLU A 89 -1.13 -10.15 20.71
N ALA A 90 -1.90 -10.76 19.80
CA ALA A 90 -1.67 -10.56 18.38
C ALA A 90 -1.81 -9.08 18.02
N ARG A 91 -0.92 -8.62 17.15
CA ARG A 91 -0.93 -7.23 16.71
C ARG A 91 -0.50 -7.18 15.27
N ILE A 92 -0.99 -6.18 14.57
CA ILE A 92 -0.43 -5.72 13.31
C ILE A 92 0.09 -4.31 13.57
N ASN A 93 1.42 -4.15 13.60
CA ASN A 93 2.09 -2.87 13.80
C ASN A 93 2.47 -2.26 12.45
N THR A 94 2.03 -1.03 12.20
CA THR A 94 2.19 -0.41 10.89
C THR A 94 2.71 1.01 11.00
N GLN A 95 3.30 1.48 9.90
CA GLN A 95 3.42 2.90 9.65
C GLN A 95 2.71 3.21 8.34
N TRP A 96 2.27 4.45 8.15
CA TRP A 96 1.49 4.70 6.95
C TRP A 96 1.87 6.01 6.31
N LEU A 97 1.49 6.13 5.04
CA LEU A 97 1.65 7.33 4.24
C LEU A 97 0.31 7.66 3.62
N LEU A 98 -0.22 8.85 3.92
CA LEU A 98 -1.41 9.42 3.30
C LEU A 98 -0.97 10.51 2.32
N THR A 99 -1.07 10.22 1.02
CA THR A 99 -0.83 11.20 -0.06
C THR A 99 -2.17 11.71 -0.54
N TYR A 100 -2.36 13.02 -0.61
CA TYR A 100 -3.56 13.53 -1.24
C TYR A 100 -3.19 14.24 -2.53
N GLY A 101 -4.12 14.21 -3.49
CA GLY A 101 -3.84 14.82 -4.78
C GLY A 101 -3.70 16.32 -4.60
N THR A 102 -2.60 16.88 -5.14
CA THR A 102 -2.31 18.30 -5.10
C THR A 102 -1.90 18.77 -6.50
N THR A 103 -1.88 20.09 -6.67
CA THR A 103 -1.10 20.67 -7.77
C THR A 103 0.38 20.41 -7.54
N GLU A 104 1.17 20.49 -8.62
CA GLU A 104 2.62 20.32 -8.48
C GLU A 104 3.22 21.33 -7.50
N ALA A 105 2.53 22.45 -7.27
CA ALA A 105 2.97 23.55 -6.43
C ALA A 105 2.85 23.26 -4.94
N ASN A 106 1.97 22.36 -4.53
CA ASN A 106 1.88 21.93 -3.17
C ASN A 106 2.37 20.50 -3.01
N ALA A 107 3.04 19.95 -4.03
CA ALA A 107 3.50 18.58 -3.96
C ALA A 107 4.28 18.33 -2.68
N TRP A 108 5.16 19.28 -2.32
CA TRP A 108 5.96 19.19 -1.10
C TRP A 108 5.12 18.80 0.12
N GLU A 109 3.88 19.29 0.22
CA GLU A 109 3.06 19.03 1.40
C GLU A 109 1.91 18.07 1.11
N SER A 110 2.14 17.10 0.24
CA SER A 110 1.03 16.22 -0.11
C SER A 110 0.92 14.94 0.72
N THR A 111 1.90 14.61 1.59
CA THR A 111 1.99 13.27 2.18
C THR A 111 2.24 13.36 3.69
N LEU A 112 1.30 12.83 4.47
CA LEU A 112 1.37 12.73 5.90
C LEU A 112 1.92 11.36 6.26
N VAL A 113 2.54 11.23 7.44
CA VAL A 113 3.07 9.93 7.86
C VAL A 113 2.61 9.64 9.29
N GLY A 114 2.61 8.37 9.63
CA GLY A 114 2.04 7.98 10.90
C GLY A 114 2.24 6.51 11.19
N HIS A 115 1.64 6.07 12.29
CA HIS A 115 1.71 4.70 12.74
C HIS A 115 0.36 4.34 13.33
N ASP A 116 -0.16 3.17 12.97
CA ASP A 116 -1.35 2.59 13.56
C ASP A 116 -1.01 1.21 14.10
N THR A 117 -1.50 0.89 15.29
CA THR A 117 -1.32 -0.46 15.82
C THR A 117 -2.69 -1.11 15.89
N PHE A 118 -2.81 -2.31 15.33
CA PHE A 118 -4.09 -3.02 15.23
C PHE A 118 -4.07 -4.23 16.13
N THR A 119 -5.06 -4.32 17.01
CA THR A 119 -5.32 -5.52 17.80
C THR A 119 -6.73 -6.05 17.53
N LYS A 120 -6.95 -7.27 18.02
CA LYS A 120 -8.22 -7.95 17.90
C LYS A 120 -9.24 -7.50 18.94
N VAL A 121 -8.83 -6.74 19.96
CA VAL A 121 -9.82 -6.12 20.87
C VAL A 121 -9.64 -4.61 20.97
N ASP B 1 -8.19 9.09 -17.08
CA ASP B 1 -7.67 8.82 -15.75
C ASP B 1 -7.27 7.35 -15.70
N GLN B 2 -8.08 6.52 -16.35
CA GLN B 2 -7.91 5.07 -16.38
C GLN B 2 -7.00 4.62 -17.52
N ALA B 3 -6.90 5.40 -18.59
CA ALA B 3 -5.87 5.14 -19.59
C ALA B 3 -4.51 5.65 -19.14
N GLY B 4 -4.48 6.86 -18.57
CA GLY B 4 -3.24 7.48 -18.15
C GLY B 4 -2.48 6.71 -17.08
N ILE B 5 -3.17 6.01 -16.20
CA ILE B 5 -2.45 5.17 -15.25
C ILE B 5 -1.98 3.87 -15.88
N THR B 6 -2.83 3.24 -16.69
CA THR B 6 -2.59 1.85 -17.08
C THR B 6 -1.37 1.80 -18.00
N GLY B 7 -0.48 0.82 -17.75
CA GLY B 7 0.64 0.55 -18.64
C GLY B 7 1.95 0.36 -17.86
N THR B 8 3.07 0.48 -18.57
CA THR B 8 4.39 0.23 -17.97
C THR B 8 5.05 1.54 -17.53
N TRP B 9 5.67 1.47 -16.35
CA TRP B 9 6.22 2.61 -15.61
C TRP B 9 7.57 2.17 -15.02
N TYR B 10 8.54 3.09 -15.04
CA TYR B 10 9.93 2.81 -14.64
C TYR B 10 10.37 3.83 -13.59
N ASN B 11 10.85 3.37 -12.43
CA ASN B 11 11.33 4.33 -11.42
C ASN B 11 12.77 4.72 -11.73
N GLN B 12 13.37 5.57 -10.87
CA GLN B 12 14.74 6.04 -11.08
C GLN B 12 15.79 4.96 -10.87
N LEU B 13 15.42 3.76 -10.42
CA LEU B 13 16.38 2.68 -10.23
C LEU B 13 16.44 1.73 -11.42
N GLY B 14 15.52 1.84 -12.38
CA GLY B 14 15.36 0.85 -13.42
C GLY B 14 14.27 -0.17 -13.15
N SER B 15 13.63 -0.12 -11.99
CA SER B 15 12.55 -1.04 -11.70
C SER B 15 11.42 -0.83 -12.70
N THR B 16 10.72 -1.92 -13.00
CA THR B 16 9.57 -1.94 -13.91
C THR B 16 8.32 -2.27 -13.12
N PHE B 17 7.29 -1.43 -13.32
CA PHE B 17 6.03 -1.47 -12.59
C PHE B 17 4.93 -1.55 -13.66
N ILE B 18 4.34 -2.73 -13.86
CA ILE B 18 3.28 -2.90 -14.83
C ILE B 18 1.98 -2.95 -14.07
N VAL B 19 1.06 -2.06 -14.40
CA VAL B 19 -0.16 -1.88 -13.62
C VAL B 19 -1.31 -1.71 -14.59
N THR B 20 -2.48 -2.26 -14.24
CA THR B 20 -3.77 -2.02 -14.88
C THR B 20 -4.67 -1.26 -13.90
N ALA B 21 -5.26 -0.14 -14.31
CA ALA B 21 -6.18 0.59 -13.45
C ALA B 21 -7.62 0.31 -13.89
N GLY B 22 -8.40 -0.38 -13.05
CA GLY B 22 -9.81 -0.60 -13.32
C GLY B 22 -10.61 0.69 -13.18
N ALA B 23 -11.91 0.60 -13.52
CA ALA B 23 -12.78 1.78 -13.53
C ALA B 23 -13.31 2.14 -12.14
N ASP B 24 -13.31 1.18 -11.21
CA ASP B 24 -13.71 1.33 -9.83
C ASP B 24 -12.68 2.07 -8.98
N GLY B 25 -11.42 2.06 -9.39
CA GLY B 25 -10.33 2.57 -8.61
C GLY B 25 -9.31 1.53 -8.18
N ALA B 26 -9.31 0.36 -8.82
CA ALA B 26 -8.51 -0.79 -8.43
C ALA B 26 -7.20 -0.83 -9.20
N LEU B 27 -6.14 -1.24 -8.54
CA LEU B 27 -4.85 -1.41 -9.20
C LEU B 27 -4.43 -2.86 -9.09
N THR B 28 -3.99 -3.43 -10.22
CA THR B 28 -3.49 -4.79 -10.33
C THR B 28 -2.27 -4.79 -11.24
N GLY B 29 -1.38 -5.76 -11.06
CA GLY B 29 -0.24 -5.76 -11.99
C GLY B 29 0.91 -6.62 -11.50
N THR B 30 2.11 -6.26 -11.95
CA THR B 30 3.33 -6.81 -11.39
C THR B 30 4.39 -5.73 -11.26
N TYR B 31 5.32 -5.96 -10.31
CA TYR B 31 6.49 -5.12 -10.05
C TYR B 31 7.76 -5.96 -10.15
N GLU B 32 8.79 -5.42 -10.81
CA GLU B 32 10.10 -6.08 -10.87
C GLU B 32 11.18 -5.12 -10.40
N SER B 33 11.79 -5.40 -9.25
CA SER B 33 12.78 -4.50 -8.68
C SER B 33 14.11 -4.70 -9.40
N ALA B 34 14.80 -3.59 -9.67
CA ALA B 34 16.19 -3.64 -10.10
C ALA B 34 17.14 -3.94 -8.96
N VAL B 35 16.75 -3.66 -7.71
CA VAL B 35 17.63 -3.78 -6.55
C VAL B 35 16.98 -4.69 -5.51
N GLY B 36 17.75 -4.99 -4.45
CA GLY B 36 17.23 -5.71 -3.31
C GLY B 36 17.19 -7.21 -3.54
N ASN B 37 16.62 -7.92 -2.56
CA ASN B 37 16.50 -9.37 -2.55
C ASN B 37 15.25 -9.71 -3.36
N ALA B 38 15.39 -9.64 -4.68
CA ALA B 38 14.25 -9.76 -5.57
C ALA B 38 14.71 -10.24 -6.94
N GLU B 39 13.83 -10.97 -7.63
CA GLU B 39 14.10 -11.30 -9.02
C GLU B 39 12.80 -11.78 -9.68
N SER B 40 12.59 -11.30 -10.92
CA SER B 40 11.42 -11.51 -11.76
C SER B 40 10.23 -10.71 -11.25
N ARG B 41 9.05 -10.95 -11.81
CA ARG B 41 7.88 -10.16 -11.45
C ARG B 41 7.35 -10.62 -10.11
N TYR B 42 6.84 -9.65 -9.35
CA TYR B 42 6.08 -9.91 -8.14
C TYR B 42 4.68 -9.29 -8.32
N VAL B 43 3.68 -9.99 -7.79
CA VAL B 43 2.30 -9.56 -7.95
C VAL B 43 2.12 -8.28 -7.15
N LEU B 44 1.25 -7.38 -7.65
CA LEU B 44 0.95 -6.14 -6.91
C LEU B 44 -0.53 -5.83 -6.96
N THR B 45 -0.99 -5.07 -5.96
CA THR B 45 -2.38 -4.63 -5.99
C THR B 45 -2.42 -3.29 -5.27
N GLY B 46 -3.35 -2.44 -5.65
CA GLY B 46 -3.51 -1.14 -5.02
C GLY B 46 -4.85 -0.52 -5.37
N ARG B 47 -4.93 0.79 -5.17
CA ARG B 47 -6.19 1.52 -5.29
C ARG B 47 -5.82 2.92 -5.72
N TYR B 48 -6.78 3.58 -6.35
CA TYR B 48 -6.56 4.96 -6.75
C TYR B 48 -7.90 5.65 -6.78
N ASP B 49 -7.81 6.97 -6.95
CA ASP B 49 -8.93 7.87 -6.94
C ASP B 49 -9.47 7.94 -8.35
N SER B 50 -10.62 7.30 -8.59
CA SER B 50 -11.18 7.25 -9.94
C SER B 50 -12.00 8.48 -10.27
N ALA B 51 -12.16 9.40 -9.33
CA ALA B 51 -12.79 10.69 -9.60
C ALA B 51 -11.92 11.77 -9.01
N PRO B 52 -10.68 11.91 -9.51
CA PRO B 52 -9.83 12.99 -9.00
C PRO B 52 -10.42 14.30 -9.44
N ALA B 53 -10.07 15.34 -8.71
CA ALA B 53 -10.63 16.65 -9.00
C ALA B 53 -10.21 17.11 -10.39
N THR B 54 -10.89 18.15 -10.88
CA THR B 54 -10.60 18.72 -12.19
C THR B 54 -10.05 20.12 -12.01
N ASP B 55 -8.89 20.20 -11.35
CA ASP B 55 -8.32 21.48 -10.98
C ASP B 55 -6.80 21.49 -11.13
N GLY B 56 -6.26 20.60 -11.95
CA GLY B 56 -4.83 20.40 -12.05
C GLY B 56 -4.23 19.60 -10.91
N SER B 57 -5.05 19.12 -9.98
CA SER B 57 -4.57 18.26 -8.91
C SER B 57 -4.18 16.89 -9.46
N GLY B 58 -3.15 16.29 -8.86
CA GLY B 58 -2.80 14.93 -9.22
C GLY B 58 -3.83 13.96 -8.68
N THR B 59 -3.55 12.68 -8.90
N THR B 59 -3.63 12.68 -9.00
CA THR B 59 -4.47 11.59 -8.60
CA THR B 59 -4.55 11.65 -8.55
C THR B 59 -3.81 10.66 -7.58
C THR B 59 -3.82 10.73 -7.58
N ALA B 60 -4.39 10.61 -6.38
CA ALA B 60 -3.82 9.85 -5.29
C ALA B 60 -3.93 8.38 -5.62
N LEU B 61 -2.99 7.59 -5.10
CA LEU B 61 -2.99 6.16 -5.38
C LEU B 61 -1.99 5.41 -4.49
N GLY B 62 -2.26 4.15 -4.28
CA GLY B 62 -1.38 3.36 -3.47
C GLY B 62 -1.30 1.98 -4.10
N TRP B 63 -0.25 1.25 -3.76
CA TRP B 63 -0.28 -0.17 -4.09
C TRP B 63 0.75 -0.93 -3.26
N THR B 64 0.60 -2.28 -3.19
CA THR B 64 1.48 -3.09 -2.33
C THR B 64 2.07 -4.23 -3.16
N VAL B 65 3.29 -4.64 -2.79
CA VAL B 65 4.05 -5.76 -3.36
C VAL B 65 4.56 -6.59 -2.19
N ALA B 66 4.16 -7.85 -2.09
CA ALA B 66 4.80 -8.71 -1.10
C ALA B 66 5.90 -9.50 -1.80
N TRP B 67 7.12 -9.43 -1.26
CA TRP B 67 8.31 -9.86 -1.99
C TRP B 67 8.48 -11.36 -1.94
N LYS B 68 7.41 -12.08 -2.25
CA LYS B 68 7.45 -13.51 -2.45
C LYS B 68 6.94 -13.79 -3.86
N ASN B 69 7.64 -14.65 -4.60
CA ASN B 69 7.09 -15.18 -5.83
C ASN B 69 7.50 -16.65 -5.92
N ASN B 70 7.41 -17.22 -7.13
CA ASN B 70 7.86 -18.58 -7.34
C ASN B 70 9.35 -18.74 -7.09
N TYR B 71 10.09 -17.63 -7.03
CA TYR B 71 11.54 -17.69 -7.12
C TYR B 71 12.25 -17.42 -5.81
N ARG B 72 11.74 -16.53 -4.96
CA ARG B 72 12.38 -16.27 -3.69
C ARG B 72 11.39 -15.56 -2.78
N ASN B 73 11.78 -15.41 -1.52
CA ASN B 73 10.92 -14.79 -0.51
C ASN B 73 11.82 -13.93 0.36
N ALA B 74 11.71 -12.60 0.22
CA ALA B 74 12.48 -11.71 1.09
C ALA B 74 11.79 -11.45 2.42
N HIS B 75 10.64 -12.05 2.67
CA HIS B 75 9.90 -11.86 3.92
C HIS B 75 9.71 -10.37 4.21
N SER B 76 9.17 -9.64 3.23
CA SER B 76 9.06 -8.21 3.39
C SER B 76 8.01 -7.67 2.42
N ALA B 77 7.55 -6.45 2.69
CA ALA B 77 6.55 -5.86 1.82
C ALA B 77 6.77 -4.36 1.70
N THR B 78 6.59 -3.84 0.48
CA THR B 78 6.61 -2.42 0.21
C THR B 78 5.23 -1.92 -0.19
N THR B 79 4.82 -0.79 0.38
CA THR B 79 3.72 0.01 -0.12
C THR B 79 4.28 1.32 -0.65
N TRP B 80 3.85 1.71 -1.85
CA TRP B 80 4.13 3.01 -2.45
C TRP B 80 2.90 3.89 -2.33
N SER B 81 3.09 5.18 -2.04
CA SER B 81 1.98 6.09 -1.80
C SER B 81 2.36 7.41 -2.43
N GLY B 82 1.58 7.85 -3.41
CA GLY B 82 1.89 9.08 -4.10
C GLY B 82 0.73 9.60 -4.90
N GLN B 83 1.05 10.28 -6.00
CA GLN B 83 0.03 10.76 -6.91
C GLN B 83 0.50 10.60 -8.36
N TYR B 84 -0.47 10.53 -9.25
CA TYR B 84 -0.21 10.45 -10.68
C TYR B 84 -0.48 11.83 -11.27
N VAL B 85 0.44 12.28 -12.14
CA VAL B 85 0.35 13.59 -12.79
C VAL B 85 0.43 13.35 -14.31
N GLY B 86 -0.68 13.57 -15.01
CA GLY B 86 -0.77 13.28 -16.42
C GLY B 86 -0.04 14.27 -17.31
N GLY B 87 -0.47 14.34 -18.58
CA GLY B 87 0.08 15.29 -19.53
C GLY B 87 1.43 14.90 -20.12
N ALA B 88 2.11 15.93 -20.66
CA ALA B 88 3.26 15.75 -21.54
C ALA B 88 4.34 14.88 -20.91
N GLU B 89 4.67 15.15 -19.66
CA GLU B 89 5.67 14.39 -18.92
C GLU B 89 4.98 13.87 -17.68
N ALA B 90 4.14 12.87 -17.91
CA ALA B 90 3.40 12.19 -16.88
C ALA B 90 4.36 11.41 -16.01
N ARG B 91 4.15 11.50 -14.69
CA ARG B 91 4.95 10.79 -13.70
C ARG B 91 4.03 10.19 -12.66
N ILE B 92 4.52 9.14 -11.98
CA ILE B 92 3.90 8.69 -10.73
C ILE B 92 4.88 8.98 -9.59
N ASN B 93 4.59 9.96 -8.71
CA ASN B 93 5.51 10.35 -7.66
C ASN B 93 5.17 9.64 -6.35
N THR B 94 6.05 8.74 -5.91
CA THR B 94 5.77 8.03 -4.68
C THR B 94 6.78 8.37 -3.58
N GLN B 95 6.32 8.17 -2.35
CA GLN B 95 7.16 7.79 -1.23
C GLN B 95 6.78 6.35 -0.91
N TRP B 96 7.72 5.54 -0.40
CA TRP B 96 7.41 4.15 -0.10
C TRP B 96 7.82 3.80 1.32
N LEU B 97 7.30 2.66 1.80
CA LEU B 97 7.65 2.02 3.06
C LEU B 97 7.88 0.52 2.82
N LEU B 98 9.03 -0.02 3.25
CA LEU B 98 9.35 -1.45 3.18
C LEU B 98 9.53 -1.98 4.60
N THR B 99 8.60 -2.83 5.06
CA THR B 99 8.70 -3.54 6.32
C THR B 99 9.17 -4.97 6.07
N TYR B 100 10.19 -5.43 6.80
CA TYR B 100 10.50 -6.85 6.78
C TYR B 100 10.10 -7.47 8.11
N GLY B 101 9.68 -8.73 8.05
CA GLY B 101 9.35 -9.43 9.27
C GLY B 101 10.59 -9.48 10.12
N THR B 102 10.53 -9.03 11.37
CA THR B 102 11.62 -9.20 12.32
C THR B 102 11.05 -9.80 13.59
N THR B 103 11.96 -10.14 14.51
CA THR B 103 11.61 -10.43 15.89
C THR B 103 11.10 -9.17 16.59
N GLU B 104 10.57 -9.35 17.81
CA GLU B 104 10.10 -8.20 18.58
C GLU B 104 11.25 -7.27 18.95
N ALA B 105 12.34 -7.84 19.46
CA ALA B 105 13.54 -7.05 19.72
C ALA B 105 14.03 -6.32 18.48
N ASN B 106 13.68 -6.78 17.28
CA ASN B 106 14.19 -6.14 16.08
C ASN B 106 13.16 -5.25 15.38
N ALA B 107 11.95 -5.13 15.94
CA ALA B 107 10.88 -4.39 15.28
C ALA B 107 11.26 -2.94 15.05
N TRP B 108 12.01 -2.33 15.97
CA TRP B 108 12.32 -0.91 15.85
C TRP B 108 13.01 -0.61 14.54
N GLU B 109 13.67 -1.60 13.93
CA GLU B 109 14.43 -1.39 12.71
C GLU B 109 13.82 -2.17 11.55
N SER B 110 12.51 -2.43 11.58
CA SER B 110 11.97 -3.30 10.56
C SER B 110 11.58 -2.55 9.30
N THR B 111 11.65 -1.21 9.26
CA THR B 111 10.97 -0.45 8.21
C THR B 111 11.88 0.59 7.56
N LEU B 112 12.04 0.49 6.23
CA LEU B 112 12.77 1.44 5.41
C LEU B 112 11.80 2.48 4.82
N VAL B 113 12.26 3.71 4.62
CA VAL B 113 11.44 4.72 3.94
C VAL B 113 12.25 5.30 2.81
N GLY B 114 11.55 5.66 1.73
CA GLY B 114 12.22 6.09 0.53
C GLY B 114 11.21 6.77 -0.37
N HIS B 115 11.68 7.17 -1.52
CA HIS B 115 10.80 7.74 -2.53
C HIS B 115 11.20 7.15 -3.88
N ASP B 116 10.20 6.96 -4.71
CA ASP B 116 10.41 6.50 -6.07
C ASP B 116 9.59 7.43 -6.94
N THR B 117 10.19 7.91 -8.02
CA THR B 117 9.44 8.63 -9.04
C THR B 117 9.47 7.81 -10.30
N PHE B 118 8.27 7.54 -10.84
CA PHE B 118 8.01 6.71 -12.01
C PHE B 118 7.73 7.56 -13.25
N THR B 119 8.41 7.24 -14.33
CA THR B 119 8.19 7.88 -15.61
C THR B 119 7.81 6.81 -16.63
N LYS B 120 7.14 7.27 -17.68
CA LYS B 120 6.74 6.38 -18.77
C LYS B 120 7.94 6.00 -19.62
N VAL B 121 8.93 6.90 -19.67
CA VAL B 121 10.23 6.72 -20.31
C VAL B 121 10.14 6.18 -21.71
#